data_7H66
#
_entry.id   7H66
#
_cell.length_a   73.710
_cell.length_b   73.710
_cell.length_c   48.600
_cell.angle_alpha   90.00
_cell.angle_beta   90.00
_cell.angle_gamma   90.00
#
_symmetry.space_group_name_H-M   'P 43'
#
loop_
_entity.id
_entity.type
_entity.pdbx_description
1 polymer Chymase
2 non-polymer 'ZINC ION'
3 non-polymer (4S)-3-hydroxy-4-methyl-2-[(S)-(naphthalen-2-yl)(phenyl)methyl]-4-phenylcyclobut-2-en-1-one
4 water water
#
_entity_poly.entity_id   1
_entity_poly.type   'polypeptide(L)'
_entity_poly.pdbx_seq_one_letter_code
;IIGGTESKPHSRPYMAYLEIVTSNGPSKFCGGFLIRRNFVLTAAHCAGRSITVTLGAHNITEEEDTWQKLEVIKQFRHPK
YNTSTLHHDIMLLKLKEKASLTLAVGTLPFPSQKNFVPPGRMCRVAGWGRTGVLKPGSDTLQEVKLRLMDPQACSHFRDF
DHNLQLCVGNPRKTKSAFKGDSGGPLLCAGVAQGIVSYGRSDAKPPAVFTRISHYRPWINQILQAN
;
_entity_poly.pdbx_strand_id   A
#
loop_
_chem_comp.id
_chem_comp.type
_chem_comp.name
_chem_comp.formula
A1AO2 non-polymer (4S)-3-hydroxy-4-methyl-2-[(S)-(naphthalen-2-yl)(phenyl)methyl]-4-phenylcyclobut-2-en-1-one 'C28 H22 O2'
ZN non-polymer 'ZINC ION' 'Zn 2'
#
# COMPACT_ATOMS: atom_id res chain seq x y z
N ILE A 1 3.74 -9.99 -3.26
CA ILE A 1 4.86 -9.60 -4.15
C ILE A 1 5.32 -10.83 -4.95
N ILE A 2 5.30 -10.69 -6.27
CA ILE A 2 5.74 -11.77 -7.16
C ILE A 2 7.13 -11.44 -7.67
N GLY A 3 8.02 -12.42 -7.60
CA GLY A 3 9.34 -12.27 -8.21
C GLY A 3 10.31 -11.41 -7.41
N GLY A 4 9.99 -11.20 -6.14
CA GLY A 4 10.80 -10.34 -5.28
C GLY A 4 11.77 -11.11 -4.41
N THR A 5 12.28 -10.43 -3.39
CA THR A 5 13.22 -10.98 -2.43
C THR A 5 12.69 -10.70 -1.03
N GLU A 6 13.14 -11.48 -0.06
CA GLU A 6 12.84 -11.17 1.33
C GLU A 6 13.49 -9.86 1.74
N SER A 7 12.73 -8.96 2.35
CA SER A 7 13.29 -7.74 2.87
C SER A 7 14.27 -8.03 4.00
N LYS A 8 15.28 -7.18 4.14
CA LYS A 8 16.05 -7.20 5.39
C LYS A 8 15.07 -6.90 6.55
N PRO A 9 15.05 -7.75 7.59
CA PRO A 9 14.02 -7.52 8.64
C PRO A 9 14.05 -6.14 9.26
N HIS A 10 12.88 -5.47 9.27
CA HIS A 10 12.69 -4.18 9.91
C HIS A 10 13.39 -3.06 9.18
N SER A 11 13.79 -3.33 7.94
CA SER A 11 14.45 -2.29 7.12
C SER A 11 13.49 -1.25 6.50
N ARG A 12 12.21 -1.55 6.59
CA ARG A 12 11.14 -0.64 6.10
C ARG A 12 10.18 -0.37 7.25
N PRO A 13 10.61 0.43 8.23
CA PRO A 13 9.91 0.49 9.53
C PRO A 13 8.54 1.18 9.49
N TYR A 14 8.22 1.80 8.37
CA TYR A 14 6.92 2.44 8.14
C TYR A 14 5.87 1.42 7.64
N MET A 15 6.25 0.19 7.30
CA MET A 15 5.29 -0.75 6.70
C MET A 15 4.22 -1.21 7.70
N ALA A 16 2.97 -1.25 7.24
CA ALA A 16 1.83 -1.67 8.04
C ALA A 16 1.18 -2.90 7.40
N TYR A 17 0.93 -3.92 8.22
CA TYR A 17 0.18 -5.10 7.82
C TYR A 17 -1.25 -4.91 8.34
N LEU A 18 -2.22 -4.91 7.43
CA LEU A 18 -3.62 -4.66 7.74
C LEU A 18 -4.47 -5.90 7.62
N GLU A 19 -5.26 -6.15 8.65
CA GLU A 19 -6.30 -7.19 8.61
C GLU A 19 -7.64 -6.48 8.48
N ILE A 20 -8.36 -6.81 7.41
CA ILE A 20 -9.60 -6.14 7.06
C ILE A 20 -10.75 -7.05 7.43
N VAL A 21 -11.58 -6.56 8.33
CA VAL A 21 -12.64 -7.35 8.90
C VAL A 21 -13.97 -6.88 8.35
N THR A 22 -14.77 -7.84 7.87
CA THR A 22 -16.13 -7.58 7.42
C THR A 22 -17.10 -8.52 8.13
N SER A 23 -18.39 -8.19 8.11
CA SER A 23 -19.34 -8.95 8.93
C SER A 23 -19.76 -10.29 8.37
N ASN A 24 -19.59 -10.48 7.06
CA ASN A 24 -20.10 -11.67 6.36
C ASN A 24 -19.08 -12.56 5.63
N GLY A 25 -17.78 -12.30 5.85
CA GLY A 25 -16.75 -13.17 5.30
C GLY A 25 -15.53 -13.12 6.19
N PRO A 26 -14.56 -14.01 5.93
CA PRO A 26 -13.34 -14.06 6.72
C PRO A 26 -12.43 -12.86 6.44
N SER A 27 -11.45 -12.67 7.30
CA SER A 27 -10.46 -11.61 7.12
C SER A 27 -9.83 -11.61 5.75
N LYS A 28 -9.61 -10.39 5.23
CA LYS A 28 -8.75 -10.18 4.07
C LYS A 28 -7.59 -9.27 4.49
N PHE A 29 -6.60 -9.10 3.61
CA PHE A 29 -5.34 -8.49 4.01
C PHE A 29 -4.84 -7.49 3.01
N CYS A 30 -4.23 -6.44 3.55
CA CYS A 30 -3.68 -5.32 2.78
C CYS A 30 -2.39 -4.87 3.46
N GLY A 31 -1.66 -4.04 2.73
CA GLY A 31 -0.54 -3.26 3.27
C GLY A 31 -0.95 -1.82 3.48
N GLY A 32 0.01 -1.02 3.83
CA GLY A 32 -0.18 0.39 4.12
C GLY A 32 1.13 0.91 4.67
N PHE A 33 1.18 2.20 4.98
CA PHE A 33 2.37 2.74 5.59
C PHE A 33 2.09 3.86 6.53
N LEU A 34 2.91 3.93 7.58
CA LEU A 34 2.72 4.91 8.63
C LEU A 34 3.23 6.28 8.16
N ILE A 35 2.35 7.28 8.04
CA ILE A 35 2.79 8.62 7.61
C ILE A 35 2.87 9.65 8.73
N ARG A 36 2.15 9.38 9.84
CA ARG A 36 2.26 10.13 11.09
C ARG A 36 2.16 9.10 12.19
N ARG A 37 2.51 9.44 13.44
CA ARG A 37 2.48 8.39 14.44
C ARG A 37 1.09 7.79 14.69
N ASN A 38 0.05 8.53 14.34
CA ASN A 38 -1.31 8.02 14.44
C ASN A 38 -2.08 7.97 13.11
N PHE A 39 -1.38 7.90 11.97
CA PHE A 39 -2.10 7.76 10.70
C PHE A 39 -1.37 6.83 9.75
N VAL A 40 -2.12 5.89 9.18
CA VAL A 40 -1.63 4.99 8.15
C VAL A 40 -2.32 5.31 6.82
N LEU A 41 -1.53 5.33 5.74
CA LEU A 41 -2.09 5.55 4.41
C LEU A 41 -2.19 4.20 3.74
N THR A 42 -3.31 3.96 3.04
CA THR A 42 -3.55 2.69 2.36
C THR A 42 -4.56 2.94 1.22
N ALA A 43 -5.06 1.87 0.63
CA ALA A 43 -6.05 1.94 -0.46
C ALA A 43 -7.48 1.97 0.10
N ALA A 44 -8.36 2.73 -0.54
CA ALA A 44 -9.79 2.78 -0.16
C ALA A 44 -10.50 1.46 -0.33
N HIS A 45 -10.07 0.64 -1.29
CA HIS A 45 -10.76 -0.65 -1.48
C HIS A 45 -10.52 -1.61 -0.32
N CYS A 46 -9.58 -1.25 0.55
CA CYS A 46 -9.29 -2.02 1.78
C CYS A 46 -10.19 -1.64 2.95
N ALA A 47 -11.14 -0.73 2.74
CA ALA A 47 -12.04 -0.37 3.86
C ALA A 47 -12.85 -1.57 4.34
N GLY A 48 -13.18 -1.59 5.61
CA GLY A 48 -14.04 -2.64 6.12
C GLY A 48 -14.84 -2.18 7.31
N ARG A 49 -15.50 -3.12 7.94
CA ARG A 49 -16.21 -2.80 9.16
C ARG A 49 -15.22 -2.41 10.26
N SER A 50 -14.10 -3.11 10.37
CA SER A 50 -13.03 -2.71 11.28
C SER A 50 -11.73 -3.19 10.65
N ILE A 51 -10.64 -2.62 11.12
CA ILE A 51 -9.32 -2.91 10.59
C ILE A 51 -8.36 -2.94 11.76
N THR A 52 -7.46 -3.93 11.79
N THR A 52 -7.45 -3.93 11.77
CA THR A 52 -6.34 -3.84 12.71
CA THR A 52 -6.36 -3.99 12.76
C THR A 52 -5.07 -3.57 11.93
C THR A 52 -5.02 -3.78 12.05
N VAL A 53 -4.15 -2.93 12.62
CA VAL A 53 -2.86 -2.60 12.04
C VAL A 53 -1.77 -3.24 12.87
N THR A 54 -0.84 -3.93 12.22
CA THR A 54 0.36 -4.42 12.90
C THR A 54 1.56 -3.69 12.30
N LEU A 55 2.28 -2.96 13.16
CA LEU A 55 3.55 -2.33 12.81
C LEU A 55 4.67 -3.17 13.39
N GLY A 56 5.85 -3.02 12.82
CA GLY A 56 7.06 -3.63 13.35
C GLY A 56 7.23 -5.07 12.99
N ALA A 57 6.51 -5.54 11.97
CA ALA A 57 6.58 -6.95 11.59
C ALA A 57 7.60 -7.25 10.53
N HIS A 58 8.11 -8.47 10.60
CA HIS A 58 8.85 -9.07 9.49
C HIS A 58 8.19 -10.37 9.10
N ASN A 59 8.36 -11.41 9.92
CA ASN A 59 7.58 -12.62 9.75
C ASN A 59 6.30 -12.44 10.56
N ILE A 60 5.20 -12.26 9.84
CA ILE A 60 3.93 -11.93 10.43
C ILE A 60 3.28 -13.11 11.17
N THR A 61 3.87 -14.31 11.06
CA THR A 61 3.36 -15.46 11.83
C THR A 61 4.07 -15.63 13.18
N GLU A 62 5.09 -14.81 13.44
CA GLU A 62 5.88 -15.00 14.66
C GLU A 62 5.89 -13.74 15.49
N GLU A 63 5.10 -13.76 16.55
N GLU A 63 5.07 -13.71 16.53
CA GLU A 63 5.06 -12.65 17.50
CA GLU A 63 4.97 -12.53 17.41
C GLU A 63 6.44 -12.26 18.00
C GLU A 63 6.30 -12.22 18.11
N GLU A 64 6.68 -10.95 18.10
CA GLU A 64 7.94 -10.47 18.66
C GLU A 64 7.76 -9.12 19.30
N ASP A 65 8.75 -8.71 20.10
CA ASP A 65 8.64 -7.45 20.80
C ASP A 65 8.51 -6.21 19.92
N THR A 66 9.05 -6.26 18.69
CA THR A 66 8.90 -5.11 17.76
C THR A 66 7.44 -4.93 17.32
N TRP A 67 6.58 -5.95 17.45
CA TRP A 67 5.19 -5.77 16.99
C TRP A 67 4.50 -4.69 17.79
N GLN A 68 3.71 -3.86 17.10
CA GLN A 68 2.74 -3.01 17.77
C GLN A 68 1.43 -3.25 17.06
N LYS A 69 0.51 -3.92 17.74
CA LYS A 69 -0.82 -4.19 17.19
C LYS A 69 -1.73 -3.06 17.64
N LEU A 70 -2.16 -2.23 16.68
CA LEU A 70 -2.81 -0.98 16.98
C LEU A 70 -4.24 -0.91 16.44
N GLU A 71 -5.12 -0.43 17.31
CA GLU A 71 -6.49 -0.18 16.98
C GLU A 71 -6.64 1.02 16.04
N VAL A 72 -7.55 0.88 15.07
CA VAL A 72 -7.94 1.98 14.18
C VAL A 72 -9.24 2.55 14.73
N ILE A 73 -9.31 3.84 14.98
N ILE A 73 -9.26 3.85 15.01
CA ILE A 73 -10.57 4.41 15.46
CA ILE A 73 -10.47 4.53 15.46
C ILE A 73 -11.47 4.99 14.38
C ILE A 73 -11.45 4.84 14.33
N LYS A 74 -10.91 5.33 13.21
CA LYS A 74 -11.72 5.86 12.12
C LYS A 74 -11.02 5.65 10.81
N GLN A 75 -11.83 5.32 9.80
CA GLN A 75 -11.38 5.20 8.41
C GLN A 75 -11.84 6.43 7.63
N PHE A 76 -10.91 7.06 6.93
CA PHE A 76 -11.23 8.19 6.06
C PHE A 76 -11.00 7.80 4.60
N ARG A 77 -12.01 7.26 3.96
N ARG A 77 -12.04 7.27 3.96
CA ARG A 77 -11.92 6.82 2.56
CA ARG A 77 -11.97 6.96 2.54
C ARG A 77 -12.14 8.05 1.66
C ARG A 77 -11.99 8.24 1.75
N HIS A 78 -11.34 8.23 0.60
CA HIS A 78 -11.45 9.41 -0.25
C HIS A 78 -12.92 9.60 -0.64
N PRO A 79 -13.46 10.83 -0.48
CA PRO A 79 -14.89 11.01 -0.72
C PRO A 79 -15.32 10.78 -2.17
N LYS A 80 -14.38 10.77 -3.12
CA LYS A 80 -14.71 10.52 -4.52
C LYS A 80 -14.34 9.11 -4.96
N TYR A 81 -13.89 8.25 -4.05
CA TYR A 81 -13.59 6.88 -4.41
C TYR A 81 -14.77 6.24 -5.16
N ASN A 82 -14.46 5.65 -6.31
CA ASN A 82 -15.48 5.08 -7.18
C ASN A 82 -15.23 3.57 -7.32
N THR A 83 -16.19 2.76 -6.89
CA THR A 83 -16.01 1.32 -6.88
C THR A 83 -16.04 0.67 -8.27
N SER A 84 -16.52 1.41 -9.26
CA SER A 84 -16.54 0.94 -10.63
C SER A 84 -15.27 1.28 -11.41
N THR A 85 -14.85 2.54 -11.37
CA THR A 85 -13.64 2.94 -12.11
C THR A 85 -12.36 2.74 -11.31
N LEU A 86 -12.51 2.64 -9.98
CA LEU A 86 -11.39 2.55 -9.02
C LEU A 86 -10.58 3.85 -8.94
N HIS A 87 -11.11 4.95 -9.47
CA HIS A 87 -10.49 6.26 -9.25
C HIS A 87 -10.49 6.63 -7.78
N HIS A 88 -9.43 7.29 -7.35
CA HIS A 88 -9.31 7.84 -5.99
C HIS A 88 -9.25 6.74 -4.94
N ASP A 89 -8.48 5.70 -5.24
CA ASP A 89 -8.34 4.55 -4.36
C ASP A 89 -7.31 4.85 -3.28
N ILE A 90 -7.74 5.62 -2.30
CA ILE A 90 -6.85 6.07 -1.25
C ILE A 90 -7.64 6.30 0.02
N MET A 91 -7.05 5.98 1.18
CA MET A 91 -7.74 6.03 2.48
C MET A 91 -6.70 6.31 3.56
N LEU A 92 -7.11 7.10 4.55
CA LEU A 92 -6.32 7.32 5.77
C LEU A 92 -6.97 6.57 6.92
N LEU A 93 -6.16 5.89 7.70
CA LEU A 93 -6.61 5.23 8.93
C LEU A 93 -6.06 6.02 10.11
N LYS A 94 -6.95 6.48 10.99
CA LYS A 94 -6.51 7.16 12.20
C LYS A 94 -6.41 6.08 13.29
N LEU A 95 -5.25 6.04 13.92
CA LEU A 95 -5.02 5.10 15.02
C LEU A 95 -5.50 5.65 16.35
N LYS A 96 -5.99 4.77 17.22
N LYS A 96 -5.97 4.77 17.22
CA LYS A 96 -6.48 5.19 18.54
CA LYS A 96 -6.47 5.18 18.52
C LYS A 96 -5.39 5.92 19.32
C LYS A 96 -5.41 5.85 19.38
N GLU A 97 -4.19 5.35 19.29
CA GLU A 97 -3.05 5.91 20.01
C GLU A 97 -1.91 6.16 19.03
N LYS A 98 -0.97 6.99 19.42
CA LYS A 98 0.22 7.17 18.59
C LYS A 98 1.14 5.97 18.74
N ALA A 99 1.65 5.46 17.62
CA ALA A 99 2.67 4.41 17.62
C ALA A 99 3.91 4.82 18.43
N SER A 100 4.58 3.84 19.04
CA SER A 100 5.88 4.09 19.65
C SER A 100 6.90 4.11 18.52
N LEU A 101 7.82 5.07 18.57
CA LEU A 101 8.97 5.06 17.70
C LEU A 101 10.05 4.14 18.24
N THR A 102 10.48 3.20 17.40
CA THR A 102 11.50 2.25 17.76
C THR A 102 12.39 2.10 16.53
N LEU A 103 13.43 1.29 16.62
CA LEU A 103 14.21 1.02 15.41
C LEU A 103 13.30 0.39 14.34
N ALA A 104 12.40 -0.49 14.76
CA ALA A 104 11.51 -1.22 13.84
C ALA A 104 10.25 -0.47 13.36
N VAL A 105 9.92 0.66 13.99
CA VAL A 105 8.67 1.38 13.69
C VAL A 105 8.98 2.87 13.61
N GLY A 106 8.68 3.47 12.46
CA GLY A 106 8.85 4.91 12.30
C GLY A 106 8.00 5.37 11.11
N THR A 107 7.83 6.68 10.98
CA THR A 107 6.96 7.24 9.95
C THR A 107 7.72 7.47 8.64
N LEU A 108 6.95 7.53 7.54
CA LEU A 108 7.43 7.97 6.23
C LEU A 108 6.50 9.05 5.61
N PRO A 109 6.71 10.31 5.99
CA PRO A 109 6.01 11.37 5.28
C PRO A 109 6.57 11.53 3.86
N PHE A 110 5.79 12.18 2.99
CA PHE A 110 6.28 12.49 1.64
C PHE A 110 5.95 13.94 1.30
N PRO A 111 6.86 14.60 0.56
CA PRO A 111 6.71 16.04 0.35
C PRO A 111 5.87 16.40 -0.88
N SER A 112 5.67 17.71 -1.07
CA SER A 112 5.15 18.25 -2.30
C SER A 112 6.22 18.08 -3.38
N PHE A 116 6.56 14.88 -11.85
CA PHE A 116 6.38 13.43 -11.91
C PHE A 116 7.76 12.81 -12.03
N VAL A 117 7.97 11.67 -11.37
CA VAL A 117 9.18 10.88 -11.64
C VAL A 117 9.06 10.34 -13.07
N PRO A 118 10.10 10.51 -13.89
CA PRO A 118 9.97 10.07 -15.30
C PRO A 118 9.94 8.55 -15.46
N PRO A 119 9.25 8.06 -16.50
CA PRO A 119 9.26 6.63 -16.80
C PRO A 119 10.66 6.12 -17.11
N GLY A 120 10.88 4.86 -16.81
CA GLY A 120 12.18 4.27 -17.03
C GLY A 120 12.89 4.16 -15.71
N ARG A 121 12.49 4.98 -14.74
CA ARG A 121 13.12 4.88 -13.42
C ARG A 121 12.66 3.59 -12.75
N MET A 122 13.53 3.07 -11.91
CA MET A 122 13.26 1.88 -11.15
C MET A 122 12.83 2.31 -9.75
N CYS A 123 11.83 1.62 -9.21
CA CYS A 123 11.24 1.95 -7.91
C CYS A 123 11.07 0.62 -7.16
N ARG A 124 10.77 0.69 -5.87
CA ARG A 124 10.65 -0.52 -5.03
C ARG A 124 9.32 -0.53 -4.31
N VAL A 125 8.72 -1.70 -4.23
CA VAL A 125 7.49 -1.88 -3.48
C VAL A 125 7.65 -3.10 -2.60
N ALA A 126 7.02 -3.06 -1.43
CA ALA A 126 7.12 -4.14 -0.45
C ALA A 126 5.73 -4.58 0.02
N GLY A 127 5.64 -5.80 0.51
CA GLY A 127 4.35 -6.31 0.99
C GLY A 127 4.41 -7.75 1.42
N TRP A 128 3.34 -8.17 2.07
CA TRP A 128 3.18 -9.55 2.54
C TRP A 128 2.17 -10.28 1.64
N GLY A 129 1.88 -9.76 0.46
CA GLY A 129 0.86 -10.33 -0.41
C GLY A 129 1.29 -11.62 -1.07
N ARG A 130 0.38 -12.12 -1.92
CA ARG A 130 0.60 -13.40 -2.60
C ARG A 130 1.84 -13.35 -3.49
N THR A 131 2.54 -14.48 -3.56
CA THR A 131 3.76 -14.60 -4.35
C THR A 131 3.52 -15.29 -5.68
N GLY A 132 2.25 -15.53 -5.98
CA GLY A 132 1.81 -16.12 -7.24
C GLY A 132 0.30 -16.17 -7.23
N VAL A 133 -0.30 -16.39 -8.41
CA VAL A 133 -1.75 -16.50 -8.55
C VAL A 133 -2.27 -17.60 -7.61
N LEU A 134 -1.56 -18.72 -7.56
CA LEU A 134 -2.06 -19.86 -6.82
C LEU A 134 -1.38 -20.02 -5.45
N LYS A 135 -0.89 -18.93 -4.88
CA LYS A 135 -0.07 -19.01 -3.68
C LYS A 135 -0.62 -18.12 -2.59
N PRO A 136 -0.44 -18.50 -1.34
CA PRO A 136 -0.85 -17.62 -0.25
C PRO A 136 0.12 -16.44 -0.09
N GLY A 137 -0.28 -15.50 0.74
CA GLY A 137 0.57 -14.41 1.12
C GLY A 137 1.85 -14.88 1.76
N SER A 138 2.89 -14.11 1.56
CA SER A 138 4.17 -14.46 2.14
C SER A 138 4.16 -14.25 3.64
N ASP A 139 4.74 -15.19 4.40
CA ASP A 139 4.90 -14.96 5.85
C ASP A 139 5.87 -13.81 6.16
N THR A 140 6.89 -13.63 5.31
CA THR A 140 7.88 -12.58 5.52
C THR A 140 7.64 -11.40 4.56
N LEU A 141 8.02 -10.21 4.99
CA LEU A 141 7.93 -9.05 4.12
C LEU A 141 8.83 -9.27 2.92
N GLN A 142 8.28 -9.07 1.73
CA GLN A 142 8.99 -9.21 0.45
C GLN A 142 9.06 -7.84 -0.21
N GLU A 143 10.02 -7.66 -1.11
CA GLU A 143 10.09 -6.44 -1.89
C GLU A 143 10.62 -6.74 -3.27
N VAL A 144 10.32 -5.84 -4.21
CA VAL A 144 10.69 -6.04 -5.60
C VAL A 144 10.99 -4.69 -6.23
N LYS A 145 11.98 -4.68 -7.13
CA LYS A 145 12.30 -3.50 -7.93
C LYS A 145 11.52 -3.58 -9.23
N LEU A 146 10.77 -2.52 -9.53
CA LEU A 146 9.89 -2.51 -10.70
C LEU A 146 10.16 -1.28 -11.54
N ARG A 147 9.92 -1.38 -12.85
CA ARG A 147 10.06 -0.23 -13.73
C ARG A 147 8.80 0.63 -13.79
N LEU A 148 8.96 1.93 -13.57
N LEU A 148 8.98 1.93 -13.62
CA LEU A 148 7.89 2.87 -13.87
CA LEU A 148 7.91 2.89 -13.82
C LEU A 148 7.72 2.87 -15.38
C LEU A 148 7.68 3.07 -15.34
N MET A 149 6.47 2.74 -15.81
CA MET A 149 6.16 2.68 -17.22
C MET A 149 5.49 3.93 -17.77
N ASP A 150 5.69 4.17 -19.07
CA ASP A 150 4.85 5.12 -19.79
C ASP A 150 3.39 4.70 -19.65
N PRO A 151 2.47 5.69 -19.56
CA PRO A 151 1.07 5.41 -19.27
C PRO A 151 0.42 4.51 -20.35
N GLN A 152 0.89 4.55 -21.60
CA GLN A 152 0.32 3.66 -22.63
C GLN A 152 0.46 2.17 -22.26
N ALA A 153 1.41 1.82 -21.40
CA ALA A 153 1.58 0.43 -21.00
C ALA A 153 0.38 -0.07 -20.18
N CYS A 154 -0.38 0.86 -19.59
CA CYS A 154 -1.58 0.54 -18.79
C CYS A 154 -2.90 0.87 -19.50
N SER A 155 -2.85 1.15 -20.79
CA SER A 155 -4.04 1.48 -21.55
C SER A 155 -5.14 0.43 -21.47
N HIS A 156 -4.75 -0.83 -21.38
CA HIS A 156 -5.72 -1.92 -21.35
C HIS A 156 -6.58 -1.92 -20.07
N PHE A 157 -6.13 -1.23 -19.02
CA PHE A 157 -7.00 -0.92 -17.89
C PHE A 157 -7.79 0.29 -18.36
N ARG A 158 -9.05 0.09 -18.78
CA ARG A 158 -9.74 1.14 -19.51
C ARG A 158 -10.02 2.37 -18.68
N ASP A 159 -10.09 2.24 -17.35
CA ASP A 159 -10.27 3.38 -16.47
C ASP A 159 -8.95 3.92 -15.87
N PHE A 160 -7.81 3.42 -16.33
CA PHE A 160 -6.54 4.00 -15.89
C PHE A 160 -6.45 5.46 -16.38
N ASP A 161 -5.84 6.32 -15.57
CA ASP A 161 -5.55 7.68 -15.98
C ASP A 161 -4.19 8.13 -15.49
N HIS A 162 -3.40 8.65 -16.41
CA HIS A 162 -2.02 9.04 -16.14
C HIS A 162 -1.88 10.08 -15.05
N ASN A 163 -2.79 11.01 -14.94
N ASN A 163 -2.83 11.00 -14.95
CA ASN A 163 -2.59 12.04 -13.92
CA ASN A 163 -2.80 12.10 -13.97
C ASN A 163 -2.96 11.54 -12.53
C ASN A 163 -3.10 11.63 -12.55
N LEU A 164 -3.83 10.51 -12.47
CA LEU A 164 -4.30 9.96 -11.19
C LEU A 164 -3.47 8.79 -10.69
N GLN A 165 -2.75 8.12 -11.59
CA GLN A 165 -2.20 6.79 -11.34
C GLN A 165 -0.85 6.62 -11.97
N LEU A 166 -0.05 5.74 -11.39
CA LEU A 166 1.20 5.28 -11.97
C LEU A 166 0.98 3.90 -12.57
N CYS A 167 1.73 3.62 -13.64
CA CYS A 167 1.74 2.33 -14.31
C CYS A 167 3.09 1.68 -13.99
N VAL A 168 3.05 0.53 -13.30
CA VAL A 168 4.24 0.01 -12.65
C VAL A 168 4.48 -1.47 -12.95
N GLY A 169 5.66 -1.77 -13.50
CA GLY A 169 6.08 -3.14 -13.75
C GLY A 169 6.18 -3.42 -15.25
N ASN A 170 7.41 -3.63 -15.73
CA ASN A 170 7.68 -4.04 -17.12
C ASN A 170 6.87 -5.30 -17.47
N PRO A 171 6.05 -5.28 -18.55
CA PRO A 171 5.25 -6.47 -18.90
C PRO A 171 6.06 -7.70 -19.35
N ARG A 172 7.34 -7.47 -19.64
CA ARG A 172 8.28 -8.55 -19.98
C ARG A 172 8.58 -9.49 -18.82
N LYS A 173 8.43 -8.99 -17.59
CA LYS A 173 8.77 -9.80 -16.39
C LYS A 173 7.53 -10.27 -15.63
N THR A 174 7.72 -11.19 -14.69
CA THR A 174 6.64 -11.59 -13.76
C THR A 174 6.62 -10.69 -12.52
N LYS A 175 7.68 -9.94 -12.32
CA LYS A 175 7.83 -9.11 -11.11
C LYS A 175 6.65 -8.17 -11.00
N SER A 176 5.99 -8.16 -9.84
CA SER A 176 4.82 -7.29 -9.67
C SER A 176 4.35 -7.22 -8.23
N ALA A 177 3.68 -6.12 -7.89
CA ALA A 177 2.79 -6.16 -6.71
C ALA A 177 1.57 -7.02 -7.04
N PHE A 178 0.97 -7.64 -6.04
CA PHE A 178 -0.20 -8.47 -6.30
C PHE A 178 -1.18 -8.44 -5.12
N LYS A 179 -2.21 -9.28 -5.20
CA LYS A 179 -3.24 -9.35 -4.14
C LYS A 179 -2.60 -9.53 -2.77
N GLY A 180 -3.05 -8.77 -1.79
CA GLY A 180 -2.44 -8.73 -0.45
C GLY A 180 -1.43 -7.61 -0.26
N ASP A 181 -0.97 -7.03 -1.37
CA ASP A 181 -0.03 -5.89 -1.34
C ASP A 181 -0.71 -4.52 -1.44
N SER A 182 -2.03 -4.50 -1.64
CA SER A 182 -2.74 -3.24 -1.89
C SER A 182 -2.48 -2.28 -0.74
N GLY A 183 -2.27 -1.01 -1.08
CA GLY A 183 -2.05 -0.01 -0.05
C GLY A 183 -0.59 0.18 0.30
N GLY A 184 0.28 -0.73 -0.12
CA GLY A 184 1.71 -0.57 0.14
C GLY A 184 2.35 0.50 -0.71
N PRO A 185 3.40 1.15 -0.18
CA PRO A 185 4.04 2.25 -0.88
C PRO A 185 4.99 1.79 -1.98
N LEU A 186 5.04 2.59 -3.04
CA LEU A 186 6.08 2.49 -4.06
C LEU A 186 7.08 3.61 -3.76
N LEU A 187 8.35 3.24 -3.56
CA LEU A 187 9.36 4.23 -3.26
C LEU A 187 10.28 4.38 -4.44
N CYS A 188 10.51 5.62 -4.84
CA CYS A 188 11.50 5.89 -5.89
C CYS A 188 12.59 6.75 -5.26
N ALA A 189 13.81 6.24 -5.27
CA ALA A 189 14.95 6.89 -4.61
C ALA A 189 14.64 7.23 -3.14
N GLY A 190 13.92 6.33 -2.48
CA GLY A 190 13.60 6.48 -1.06
C GLY A 190 12.39 7.32 -0.74
N VAL A 191 11.69 7.84 -1.75
CA VAL A 191 10.57 8.77 -1.55
C VAL A 191 9.28 8.10 -2.05
N ALA A 192 8.25 8.04 -1.22
CA ALA A 192 6.97 7.43 -1.60
C ALA A 192 6.32 8.21 -2.75
N GLN A 193 5.94 7.49 -3.81
CA GLN A 193 5.36 8.09 -4.99
C GLN A 193 3.99 7.51 -5.31
N GLY A 194 3.72 6.31 -4.81
CA GLY A 194 2.48 5.62 -5.17
C GLY A 194 2.05 4.66 -4.09
N ILE A 195 0.81 4.19 -4.16
N ILE A 195 0.83 4.14 -4.31
CA ILE A 195 0.41 3.03 -3.36
CA ILE A 195 0.15 3.16 -3.44
C ILE A 195 -0.23 2.02 -4.30
C ILE A 195 -0.40 2.02 -4.31
N VAL A 196 -0.09 0.76 -3.98
CA VAL A 196 -0.62 -0.33 -4.80
C VAL A 196 -2.14 -0.23 -4.83
N SER A 197 -2.72 -0.28 -6.04
CA SER A 197 -4.19 -0.21 -6.17
C SER A 197 -4.79 -1.49 -6.78
N TYR A 198 -4.50 -1.78 -8.04
CA TYR A 198 -5.11 -2.97 -8.66
C TYR A 198 -4.29 -3.44 -9.84
N GLY A 199 -4.70 -4.56 -10.41
CA GLY A 199 -4.05 -5.13 -11.60
C GLY A 199 -4.89 -6.29 -12.09
N ARG A 200 -4.29 -7.12 -12.92
CA ARG A 200 -4.96 -8.29 -13.48
C ARG A 200 -5.03 -9.45 -12.51
N SER A 201 -6.14 -10.20 -12.57
N SER A 201 -6.14 -10.20 -12.58
CA SER A 201 -6.30 -11.42 -11.80
CA SER A 201 -6.30 -11.41 -11.77
C SER A 201 -5.18 -12.43 -12.05
C SER A 201 -5.25 -12.48 -12.08
N ASP A 202 -4.66 -12.46 -13.28
CA ASP A 202 -3.63 -13.42 -13.65
C ASP A 202 -2.22 -12.91 -13.37
N ALA A 203 -2.16 -11.73 -12.73
CA ALA A 203 -0.93 -11.16 -12.21
C ALA A 203 0.08 -10.64 -13.26
N LYS A 204 -0.29 -10.63 -14.53
CA LYS A 204 0.64 -10.13 -15.56
C LYS A 204 0.81 -8.61 -15.40
N PRO A 205 2.03 -8.12 -15.16
CA PRO A 205 2.22 -6.65 -15.01
C PRO A 205 2.09 -5.94 -16.36
N PRO A 206 1.91 -4.61 -16.34
CA PRO A 206 1.97 -3.73 -15.18
C PRO A 206 0.74 -3.74 -14.29
N ALA A 207 0.91 -3.23 -13.08
CA ALA A 207 -0.20 -2.93 -12.16
C ALA A 207 -0.38 -1.43 -12.01
N VAL A 208 -1.52 -1.05 -11.47
CA VAL A 208 -1.90 0.33 -11.29
C VAL A 208 -1.75 0.76 -9.85
N PHE A 209 -1.06 1.89 -9.67
CA PHE A 209 -0.81 2.45 -8.33
C PHE A 209 -1.48 3.84 -8.28
N THR A 210 -2.00 4.22 -7.13
CA THR A 210 -2.47 5.59 -6.95
C THR A 210 -1.29 6.56 -6.92
N ARG A 211 -1.38 7.66 -7.65
CA ARG A 211 -0.32 8.67 -7.70
C ARG A 211 -0.50 9.60 -6.51
N ILE A 212 0.25 9.38 -5.43
CA ILE A 212 -0.09 10.06 -4.16
C ILE A 212 0.10 11.58 -4.22
N SER A 213 0.93 12.08 -5.13
CA SER A 213 1.12 13.54 -5.26
C SER A 213 -0.21 14.24 -5.52
N HIS A 214 -1.06 13.59 -6.31
CA HIS A 214 -2.33 14.19 -6.68
C HIS A 214 -3.21 14.41 -5.43
N TYR A 215 -2.99 13.55 -4.41
CA TYR A 215 -3.84 13.47 -3.22
C TYR A 215 -3.23 14.14 -1.98
N ARG A 216 -2.04 14.69 -2.12
CA ARG A 216 -1.38 15.30 -0.94
C ARG A 216 -2.20 16.45 -0.31
N PRO A 217 -2.81 17.33 -1.13
CA PRO A 217 -3.68 18.33 -0.50
C PRO A 217 -4.83 17.74 0.33
N TRP A 218 -5.50 16.71 -0.18
CA TRP A 218 -6.55 16.03 0.56
C TRP A 218 -6.01 15.38 1.85
N ILE A 219 -4.88 14.71 1.73
CA ILE A 219 -4.27 14.09 2.90
C ILE A 219 -4.01 15.14 3.99
N ASN A 220 -3.39 16.24 3.59
CA ASN A 220 -3.17 17.33 4.55
C ASN A 220 -4.44 17.89 5.19
N GLN A 221 -5.52 17.97 4.43
N GLN A 221 -5.49 17.99 4.38
CA GLN A 221 -6.80 18.45 4.98
CA GLN A 221 -6.81 18.40 4.87
C GLN A 221 -7.41 17.49 6.03
C GLN A 221 -7.22 17.50 6.05
N ILE A 222 -7.22 16.19 5.82
CA ILE A 222 -7.66 15.19 6.83
C ILE A 222 -6.77 15.28 8.06
N LEU A 223 -5.47 15.31 7.84
CA LEU A 223 -4.50 15.36 8.95
C LEU A 223 -4.76 16.59 9.85
N GLN A 224 -5.06 17.73 9.24
CA GLN A 224 -5.26 18.99 9.99
C GLN A 224 -6.57 19.05 10.77
N ALA A 225 -7.63 18.43 10.25
CA ALA A 225 -8.94 18.44 10.90
C ALA A 225 -9.10 17.38 11.97
N ASN A 226 -8.14 16.47 12.07
CA ASN A 226 -8.31 15.29 12.92
C ASN A 226 -7.12 15.04 13.83
ZN ZN B . 12.31 -8.72 14.61
C5 A1AO2 C . -7.15 -6.86 -3.12
C8 A1AO2 C . -5.68 -7.75 -8.54
C3 A1AO2 C . -8.48 -8.26 -3.51
C6 A1AO2 C . -5.62 -6.27 -6.17
C1 A1AO2 C . -7.90 -7.30 -4.27
C17 A1AO2 C . -6.91 -9.12 -1.74
C14 A1AO2 C . -8.90 -5.60 -5.79
C9 A1AO2 C . -4.48 -7.07 -8.19
C4 A1AO2 C . -7.78 -7.93 -2.22
C13 A1AO2 C . -3.29 -7.13 -8.99
C7 A1AO2 C . -8.07 -6.87 -5.72
C2 A1AO2 C . -6.78 -6.91 -6.53
C18 A1AO2 C . -2.15 -6.45 -8.62
O15 A1AO2 C . -9.38 -9.21 -3.76
O11 A1AO2 C . -6.36 -5.95 -2.91
C12 A1AO2 C . -8.60 -7.28 -1.13
C21 A1AO2 C . -9.88 -6.75 -1.40
C28 A1AO2 C . -10.62 -6.13 -0.41
C31 A1AO2 C . -10.10 -6.03 0.88
C27 A1AO2 C . -8.82 -6.51 1.15
C22 A1AO2 C . -8.08 -7.14 0.15
C23 A1AO2 C . -10.26 -5.67 -5.45
C26 A1AO2 C . -11.01 -4.50 -5.49
C30 A1AO2 C . -10.48 -3.27 -5.88
C29 A1AO2 C . -9.13 -3.22 -6.21
C24 A1AO2 C . -8.35 -4.37 -6.15
C10 A1AO2 C . -4.46 -6.33 -6.99
C19 A1AO2 C . -6.81 -7.63 -7.76
C16 A1AO2 C . -3.27 -5.66 -6.62
C20 A1AO2 C . -2.15 -5.71 -7.40
#